data_3IA3
#
_entry.id   3IA3
#
_cell.length_a   65.230
_cell.length_b   65.230
_cell.length_c   439.660
_cell.angle_alpha   90.00
_cell.angle_beta   90.00
_cell.angle_gamma   120.00
#
_symmetry.space_group_name_H-M   'P 61 2 2'
#
loop_
_entity.id
_entity.type
_entity.pdbx_description
1 polymer 'Alpha-hemoglobin-stabilizing protein'
2 polymer 'Hemoglobin subunit alpha'
3 non-polymer 'PROTOPORPHYRIN IX CONTAINING FE'
#
loop_
_entity_poly.entity_id
_entity_poly.type
_entity_poly.pdbx_seq_one_letter_code
_entity_poly.pdbx_strand_id
1 'polypeptide(L)'
;MALLKANKDLISAGLKEFSVLLNQQVFNDPLVSEEDMVTVVEDWMNFYINYYRQQVTGEPQERDKALQELRQELNTLANP
FLAKYRDFLKS
;
A,C
2 'polypeptide(L)'
;GSHMVLSPADKTNVKAAWGKVGAHAGEYGAEALERMFLSFPTTKTYFPHFDLSHGSAQVKGHGKKVADALTNAVAHVDDM
PNALSALSDLHAHKLRVDPVNFKLLSHCLLVTLAAHLPAEFTPAVHASLDKFLASVSTVLTSKYR
;
B,D
#
loop_
_chem_comp.id
_chem_comp.type
_chem_comp.name
_chem_comp.formula
HEM non-polymer 'PROTOPORPHYRIN IX CONTAINING FE' 'C34 H32 Fe N4 O4'
#
# COMPACT_ATOMS: atom_id res chain seq x y z
N ALA A 2 30.16 40.38 12.40
CA ALA A 2 29.19 40.60 11.29
C ALA A 2 29.89 40.47 9.94
N LEU A 3 29.89 39.25 9.40
CA LEU A 3 30.52 38.99 8.11
C LEU A 3 29.78 39.68 6.96
N LEU A 4 28.59 40.18 7.26
CA LEU A 4 27.74 40.88 6.30
C LEU A 4 26.36 40.95 6.93
N LYS A 5 25.33 41.11 6.10
CA LYS A 5 23.96 41.20 6.59
C LYS A 5 23.12 40.08 5.96
N ALA A 6 23.23 39.93 4.64
CA ALA A 6 22.50 38.89 3.92
C ALA A 6 22.77 37.55 4.59
N ASN A 7 24.03 37.36 4.97
CA ASN A 7 24.44 36.13 5.61
C ASN A 7 24.27 36.21 7.11
N LYS A 8 23.35 37.05 7.56
CA LYS A 8 23.10 37.19 9.00
C LYS A 8 21.67 36.77 9.29
N ASP A 9 20.78 37.07 8.35
CA ASP A 9 19.37 36.73 8.47
C ASP A 9 19.26 35.32 7.93
N LEU A 10 20.26 34.94 7.16
CA LEU A 10 20.33 33.62 6.55
C LEU A 10 20.77 32.65 7.63
N ILE A 11 21.98 32.86 8.15
CA ILE A 11 22.48 32.00 9.20
C ILE A 11 21.48 31.85 10.33
N SER A 12 20.65 32.87 10.54
CA SER A 12 19.67 32.82 11.61
C SER A 12 18.40 32.04 11.23
N ALA A 13 17.99 32.15 9.96
CA ALA A 13 16.81 31.44 9.48
C ALA A 13 17.10 29.95 9.53
N GLY A 14 18.32 29.59 9.15
CA GLY A 14 18.73 28.20 9.15
C GLY A 14 18.71 27.60 10.54
N LEU A 15 19.43 28.21 11.47
CA LEU A 15 19.46 27.72 12.85
C LEU A 15 18.05 27.56 13.40
N LYS A 16 17.10 28.19 12.70
CA LYS A 16 15.68 28.15 13.06
C LYS A 16 15.09 26.85 12.51
N GLU A 17 15.10 26.77 11.18
CA GLU A 17 14.59 25.60 10.49
C GLU A 17 15.29 24.35 10.99
N PHE A 18 16.53 24.48 11.44
CA PHE A 18 17.23 23.32 11.93
C PHE A 18 16.69 22.92 13.29
N SER A 19 16.08 23.88 13.98
CA SER A 19 15.50 23.62 15.30
C SER A 19 14.18 22.89 15.19
N VAL A 20 13.36 23.29 14.23
CA VAL A 20 12.09 22.62 14.03
C VAL A 20 12.38 21.14 13.73
N LEU A 21 13.48 20.89 13.03
CA LEU A 21 13.85 19.52 12.69
C LEU A 21 14.11 18.73 13.95
N LEU A 22 14.93 19.28 14.83
CA LEU A 22 15.26 18.59 16.08
C LEU A 22 14.09 18.48 17.05
N ASN A 23 13.30 19.53 17.15
CA ASN A 23 12.18 19.50 18.09
C ASN A 23 11.05 18.60 17.61
N GLN A 24 10.90 18.44 16.30
CA GLN A 24 9.84 17.59 15.79
C GLN A 24 10.23 16.11 15.86
N GLN A 25 11.43 15.86 16.36
CA GLN A 25 11.93 14.50 16.47
C GLN A 25 11.37 13.78 17.69
N VAL A 26 10.98 12.52 17.48
CA VAL A 26 10.43 11.67 18.53
C VAL A 26 11.26 10.40 18.57
N PHE A 27 11.43 9.82 19.74
CA PHE A 27 12.24 8.61 19.83
C PHE A 27 11.47 7.29 19.84
N ASN A 28 10.74 7.01 18.76
CA ASN A 28 9.97 5.76 18.64
C ASN A 28 10.85 4.62 18.14
N ASP A 29 10.31 3.41 18.10
CA ASP A 29 11.03 2.26 17.60
C ASP A 29 10.92 2.34 16.06
N PRO A 30 11.91 1.82 15.33
CA PRO A 30 13.11 1.17 15.86
C PRO A 30 14.07 2.24 16.34
N LEU A 31 14.77 1.94 17.43
CA LEU A 31 15.73 2.86 18.00
C LEU A 31 17.08 2.59 17.39
N VAL A 32 17.65 3.62 16.78
CA VAL A 32 18.94 3.48 16.15
C VAL A 32 20.09 3.67 17.15
N SER A 33 21.06 2.75 17.09
CA SER A 33 22.21 2.78 17.98
C SER A 33 22.76 4.18 18.22
N GLU A 34 23.33 4.39 19.40
CA GLU A 34 23.89 5.68 19.75
C GLU A 34 24.73 6.19 18.60
N GLU A 35 25.73 5.39 18.20
CA GLU A 35 26.62 5.73 17.11
C GLU A 35 25.90 6.21 15.85
N ASP A 36 25.06 5.35 15.29
CA ASP A 36 24.34 5.68 14.06
C ASP A 36 23.60 7.01 14.12
N MET A 37 23.05 7.34 15.29
CA MET A 37 22.32 8.59 15.45
C MET A 37 23.20 9.80 15.17
N VAL A 38 24.41 9.79 15.71
CA VAL A 38 25.33 10.90 15.47
C VAL A 38 25.48 11.09 13.96
N THR A 39 25.81 9.99 13.27
CA THR A 39 25.98 10.00 11.83
C THR A 39 24.82 10.68 11.11
N VAL A 40 23.60 10.49 11.62
CA VAL A 40 22.43 11.09 11.01
C VAL A 40 22.49 12.58 11.21
N VAL A 41 22.52 13.02 12.46
CA VAL A 41 22.60 14.44 12.74
C VAL A 41 23.76 15.02 11.95
N GLU A 42 24.88 14.29 11.95
CA GLU A 42 26.06 14.68 11.20
C GLU A 42 25.67 14.87 9.74
N ASP A 43 24.90 13.91 9.21
CA ASP A 43 24.47 13.97 7.83
C ASP A 43 23.44 15.08 7.61
N TRP A 44 22.76 15.48 8.68
CA TRP A 44 21.76 16.54 8.56
C TRP A 44 22.47 17.86 8.37
N MET A 45 23.51 18.09 9.17
CA MET A 45 24.27 19.33 9.07
C MET A 45 24.94 19.40 7.72
N ASN A 46 25.69 18.35 7.37
CA ASN A 46 26.37 18.27 6.09
C ASN A 46 25.36 18.53 4.96
N PHE A 47 24.07 18.55 5.30
CA PHE A 47 23.00 18.82 4.35
C PHE A 47 22.77 20.32 4.29
N TYR A 48 22.41 20.89 5.44
CA TYR A 48 22.16 22.32 5.55
C TYR A 48 23.31 23.11 4.92
N ILE A 49 24.52 22.88 5.41
CA ILE A 49 25.67 23.58 4.89
C ILE A 49 25.75 23.40 3.38
N ASN A 50 25.76 22.16 2.90
CA ASN A 50 25.83 21.95 1.46
C ASN A 50 24.67 22.62 0.74
N TYR A 51 23.68 23.08 1.49
CA TYR A 51 22.51 23.76 0.90
C TYR A 51 22.66 25.28 0.92
N TYR A 52 22.93 25.82 2.11
CA TYR A 52 23.09 27.27 2.28
C TYR A 52 24.32 27.77 1.53
N ARG A 53 25.23 26.87 1.22
CA ARG A 53 26.43 27.24 0.49
C ARG A 53 26.04 27.62 -0.94
N GLN A 54 24.79 28.01 -1.10
CA GLN A 54 24.25 28.43 -2.39
C GLN A 54 23.56 29.75 -2.16
N GLN A 55 22.95 29.88 -0.99
CA GLN A 55 22.23 31.08 -0.60
C GLN A 55 23.20 32.17 -0.14
N VAL A 56 24.33 31.75 0.41
CA VAL A 56 25.34 32.69 0.89
C VAL A 56 25.84 33.51 -0.30
N THR A 57 26.25 34.74 -0.01
CA THR A 57 26.73 35.64 -1.05
C THR A 57 28.01 36.32 -0.58
N GLY A 58 28.45 37.33 -1.33
CA GLY A 58 29.66 38.05 -0.99
C GLY A 58 30.84 37.51 -1.77
N GLU A 59 32.03 37.61 -1.19
CA GLU A 59 33.25 37.11 -1.85
C GLU A 59 33.64 35.75 -1.26
N PRO A 60 34.06 34.80 -2.11
CA PRO A 60 34.46 33.46 -1.65
C PRO A 60 35.47 33.44 -0.50
N GLN A 61 35.75 34.62 0.03
CA GLN A 61 36.67 34.78 1.16
C GLN A 61 35.89 34.83 2.48
N GLU A 62 34.81 35.60 2.48
CA GLU A 62 33.94 35.76 3.66
C GLU A 62 32.75 34.80 3.51
N ARG A 63 32.52 34.39 2.27
CA ARG A 63 31.44 33.46 1.91
C ARG A 63 31.65 32.18 2.71
N ASP A 64 32.88 31.67 2.68
CA ASP A 64 33.22 30.45 3.38
C ASP A 64 33.54 30.66 4.86
N LYS A 65 33.22 31.85 5.38
CA LYS A 65 33.42 32.16 6.79
C LYS A 65 32.08 31.97 7.48
N ALA A 66 31.02 32.43 6.82
CA ALA A 66 29.67 32.30 7.34
C ALA A 66 29.42 30.82 7.56
N LEU A 67 29.54 30.04 6.48
CA LEU A 67 29.34 28.61 6.54
C LEU A 67 30.07 28.02 7.73
N GLN A 68 31.38 28.26 7.81
CA GLN A 68 32.18 27.74 8.92
C GLN A 68 31.59 28.18 10.27
N GLU A 69 30.89 29.30 10.30
CA GLU A 69 30.28 29.78 11.54
C GLU A 69 28.95 29.06 11.73
N LEU A 70 28.30 28.74 10.63
CA LEU A 70 27.02 28.04 10.67
C LEU A 70 27.25 26.67 11.30
N ARG A 71 28.18 25.91 10.70
CA ARG A 71 28.48 24.58 11.20
C ARG A 71 28.81 24.66 12.68
N GLN A 72 29.46 25.75 13.08
CA GLN A 72 29.81 25.94 14.48
C GLN A 72 28.54 26.08 15.30
N GLU A 73 27.60 26.88 14.81
CA GLU A 73 26.35 27.12 15.52
C GLU A 73 25.40 25.93 15.54
N LEU A 74 25.19 25.27 14.41
CA LEU A 74 24.30 24.12 14.39
C LEU A 74 24.66 23.19 15.54
N ASN A 75 25.95 22.86 15.64
CA ASN A 75 26.43 21.99 16.71
C ASN A 75 25.95 22.45 18.09
N THR A 76 25.76 23.75 18.23
CA THR A 76 25.29 24.32 19.51
C THR A 76 23.95 23.71 19.90
N LEU A 77 23.08 23.50 18.91
CA LEU A 77 21.75 22.93 19.13
C LEU A 77 21.83 21.42 18.96
N ALA A 78 22.79 20.97 18.18
CA ALA A 78 22.96 19.56 17.92
C ALA A 78 23.37 18.84 19.19
N ASN A 79 24.39 19.34 19.86
CA ASN A 79 24.85 18.70 21.09
C ASN A 79 23.79 18.45 22.17
N PRO A 80 22.88 19.41 22.40
CA PRO A 80 21.84 19.20 23.42
C PRO A 80 21.00 17.99 23.05
N PHE A 81 20.62 17.94 21.77
CA PHE A 81 19.83 16.86 21.19
C PHE A 81 20.46 15.49 21.41
N LEU A 82 21.72 15.36 21.02
CA LEU A 82 22.44 14.09 21.18
C LEU A 82 22.42 13.67 22.64
N ALA A 83 22.85 14.57 23.52
CA ALA A 83 22.86 14.30 24.96
C ALA A 83 21.45 13.87 25.38
N LYS A 84 20.46 14.52 24.79
CA LYS A 84 19.06 14.24 25.05
C LYS A 84 18.76 12.80 24.63
N TYR A 85 19.38 12.35 23.55
CA TYR A 85 19.13 11.01 23.06
C TYR A 85 19.97 9.98 23.78
N ARG A 86 21.26 10.26 23.92
CA ARG A 86 22.13 9.32 24.60
C ARG A 86 21.55 9.09 26.00
N ASP A 87 20.72 10.02 26.44
CA ASP A 87 20.08 9.93 27.75
C ASP A 87 18.88 8.99 27.65
N PHE A 88 18.28 8.93 26.46
CA PHE A 88 17.14 8.06 26.22
C PHE A 88 17.61 6.61 26.14
N LEU A 89 18.85 6.42 25.69
CA LEU A 89 19.42 5.09 25.58
C LEU A 89 19.44 4.41 26.96
N LYS A 90 20.25 4.96 27.87
CA LYS A 90 20.37 4.43 29.23
C LYS A 90 19.04 4.42 29.97
N SER A 91 18.17 5.36 29.61
CA SER A 91 16.84 5.48 30.23
C SER A 91 16.01 4.19 30.07
N LEU B 6 0.56 -16.54 -9.67
CA LEU B 6 -0.29 -15.66 -10.56
C LEU B 6 0.39 -15.42 -11.92
N SER B 7 -0.24 -15.86 -13.02
CA SER B 7 0.38 -15.71 -14.35
C SER B 7 0.36 -14.29 -14.92
N PRO B 8 1.33 -13.96 -15.81
CA PRO B 8 1.46 -12.64 -16.45
C PRO B 8 0.25 -12.34 -17.32
N ALA B 9 -0.51 -13.39 -17.62
CA ALA B 9 -1.73 -13.26 -18.40
C ALA B 9 -2.77 -12.82 -17.37
N ASP B 10 -2.79 -13.53 -16.26
CA ASP B 10 -3.68 -13.25 -15.14
C ASP B 10 -3.44 -11.82 -14.64
N LYS B 11 -2.28 -11.27 -14.98
CA LYS B 11 -1.90 -9.91 -14.58
C LYS B 11 -2.44 -8.86 -15.55
N THR B 12 -2.44 -9.16 -16.84
CA THR B 12 -2.96 -8.20 -17.81
C THR B 12 -4.48 -8.24 -17.77
N ASN B 13 -5.02 -9.41 -17.47
CA ASN B 13 -6.47 -9.56 -17.36
C ASN B 13 -6.99 -8.65 -16.26
N VAL B 14 -6.67 -8.97 -15.01
CA VAL B 14 -7.11 -8.17 -13.86
C VAL B 14 -6.84 -6.69 -14.05
N LYS B 15 -5.64 -6.34 -14.49
CA LYS B 15 -5.28 -4.95 -14.70
C LYS B 15 -6.38 -4.19 -15.48
N ALA B 16 -6.89 -4.83 -16.53
CA ALA B 16 -7.94 -4.22 -17.35
C ALA B 16 -9.31 -4.43 -16.72
N ALA B 17 -9.50 -5.62 -16.14
CA ALA B 17 -10.77 -5.99 -15.50
C ALA B 17 -11.21 -4.93 -14.51
N TRP B 18 -10.23 -4.35 -13.82
CA TRP B 18 -10.52 -3.35 -12.83
C TRP B 18 -10.68 -2.00 -13.49
N GLY B 19 -10.10 -1.83 -14.67
CA GLY B 19 -10.21 -0.56 -15.37
C GLY B 19 -11.65 -0.18 -15.70
N LYS B 20 -12.33 -1.16 -16.26
CA LYS B 20 -13.72 -1.02 -16.64
C LYS B 20 -14.61 -0.83 -15.42
N VAL B 21 -14.78 -1.94 -14.74
CA VAL B 21 -15.62 -2.13 -13.56
C VAL B 21 -15.34 -1.35 -12.25
N GLY B 22 -14.12 -0.85 -12.07
CA GLY B 22 -13.77 -0.23 -10.80
C GLY B 22 -13.81 1.26 -10.56
N ALA B 23 -14.46 2.02 -11.40
CA ALA B 23 -14.47 3.45 -11.17
C ALA B 23 -15.25 3.89 -9.93
N HIS B 24 -16.39 3.28 -9.68
CA HIS B 24 -17.25 3.63 -8.54
C HIS B 24 -17.18 2.69 -7.35
N ALA B 25 -16.26 1.73 -7.40
CA ALA B 25 -16.11 0.77 -6.32
C ALA B 25 -16.10 1.37 -4.92
N GLY B 26 -15.57 2.59 -4.76
CA GLY B 26 -15.52 3.21 -3.45
C GLY B 26 -16.84 3.75 -2.90
N GLU B 27 -17.88 3.81 -3.74
CA GLU B 27 -19.17 4.32 -3.32
C GLU B 27 -19.99 3.19 -2.77
N TYR B 28 -19.67 1.97 -3.17
CA TYR B 28 -20.39 0.80 -2.73
C TYR B 28 -19.87 0.27 -1.41
N GLY B 29 -19.24 1.11 -0.63
CA GLY B 29 -18.70 0.66 0.63
C GLY B 29 -19.83 0.19 1.50
N ALA B 30 -20.61 1.15 1.98
CA ALA B 30 -21.74 0.86 2.85
C ALA B 30 -22.48 -0.39 2.40
N GLU B 31 -22.80 -0.46 1.12
CA GLU B 31 -23.54 -1.61 0.59
C GLU B 31 -22.95 -3.00 0.88
N ALA B 32 -21.81 -3.32 0.28
CA ALA B 32 -21.21 -4.62 0.48
C ALA B 32 -21.15 -5.07 1.92
N LEU B 33 -20.87 -4.16 2.84
CA LEU B 33 -20.82 -4.58 4.24
C LEU B 33 -22.18 -5.11 4.59
N GLU B 34 -23.22 -4.41 4.16
CA GLU B 34 -24.57 -4.88 4.43
C GLU B 34 -24.83 -6.18 3.71
N ARG B 35 -24.30 -6.30 2.51
CA ARG B 35 -24.49 -7.52 1.75
C ARG B 35 -23.77 -8.71 2.39
N MET B 36 -22.69 -8.45 3.13
CA MET B 36 -21.94 -9.52 3.76
C MET B 36 -22.62 -9.96 5.03
N PHE B 37 -23.41 -9.08 5.63
CA PHE B 37 -24.09 -9.44 6.84
C PHE B 37 -25.27 -10.37 6.56
N LEU B 38 -25.87 -10.22 5.39
CA LEU B 38 -27.01 -11.08 5.05
C LEU B 38 -26.51 -12.42 4.52
N SER B 39 -25.61 -12.37 3.56
CA SER B 39 -25.10 -13.60 3.00
C SER B 39 -24.38 -14.45 4.04
N PHE B 40 -23.73 -13.83 5.01
CA PHE B 40 -22.98 -14.55 6.03
C PHE B 40 -23.34 -13.96 7.38
N PRO B 41 -24.52 -14.29 7.89
CA PRO B 41 -25.05 -13.82 9.16
C PRO B 41 -24.08 -13.93 10.32
N THR B 42 -23.14 -14.87 10.24
CA THR B 42 -22.17 -15.07 11.32
C THR B 42 -21.17 -13.93 11.40
N THR B 43 -20.99 -13.24 10.29
CA THR B 43 -20.06 -12.14 10.28
C THR B 43 -20.63 -10.92 10.95
N LYS B 44 -21.82 -11.04 11.54
CA LYS B 44 -22.46 -9.91 12.20
C LYS B 44 -22.60 -10.06 13.71
N THR B 45 -22.68 -11.30 14.19
CA THR B 45 -22.84 -11.55 15.62
C THR B 45 -21.99 -10.57 16.43
N TYR B 46 -20.86 -10.19 15.86
CA TYR B 46 -19.98 -9.25 16.49
C TYR B 46 -19.79 -8.01 15.64
N PHE B 47 -18.57 -7.82 15.17
CA PHE B 47 -18.25 -6.71 14.31
C PHE B 47 -18.12 -5.36 15.00
N PRO B 48 -17.12 -5.21 15.85
CA PRO B 48 -16.86 -3.99 16.62
C PRO B 48 -16.49 -2.78 15.83
N HIS B 49 -16.30 -2.98 14.54
CA HIS B 49 -15.87 -1.89 13.71
C HIS B 49 -16.90 -0.90 13.17
N PHE B 50 -16.35 0.19 12.68
CA PHE B 50 -17.11 1.29 12.07
C PHE B 50 -18.19 1.99 12.87
N ASP B 51 -18.31 1.66 14.15
CA ASP B 51 -19.32 2.26 15.03
C ASP B 51 -20.59 2.46 14.22
N LEU B 52 -21.11 1.35 13.72
CA LEU B 52 -22.30 1.34 12.89
C LEU B 52 -23.54 1.98 13.43
N SER B 53 -23.90 1.63 14.65
CA SER B 53 -25.10 2.17 15.27
C SER B 53 -25.20 3.70 15.23
N HIS B 54 -24.09 4.38 14.96
CA HIS B 54 -24.10 5.83 14.93
C HIS B 54 -24.02 6.42 13.54
N GLY B 55 -24.11 5.59 12.51
CA GLY B 55 -24.06 6.15 11.18
C GLY B 55 -23.07 5.56 10.20
N SER B 56 -23.47 5.59 8.94
CA SER B 56 -22.69 5.07 7.84
C SER B 56 -21.49 5.92 7.46
N ALA B 57 -21.04 6.78 8.37
CA ALA B 57 -19.91 7.63 8.09
C ALA B 57 -18.61 6.86 7.92
N GLN B 58 -18.21 6.16 8.97
CA GLN B 58 -16.97 5.39 8.96
C GLN B 58 -16.97 4.26 7.95
N VAL B 59 -18.11 3.64 7.76
CA VAL B 59 -18.17 2.53 6.83
C VAL B 59 -18.18 3.02 5.40
N LYS B 60 -18.79 4.17 5.12
CA LYS B 60 -18.79 4.62 3.72
C LYS B 60 -17.38 5.05 3.34
N GLY B 61 -16.69 5.66 4.28
CA GLY B 61 -15.32 6.07 4.00
C GLY B 61 -14.45 4.86 3.73
N HIS B 62 -14.53 3.85 4.60
CA HIS B 62 -13.76 2.63 4.46
C HIS B 62 -13.93 2.06 3.07
N GLY B 63 -15.12 2.23 2.52
CA GLY B 63 -15.40 1.75 1.18
C GLY B 63 -14.38 2.34 0.25
N LYS B 64 -14.21 3.66 0.31
CA LYS B 64 -13.23 4.36 -0.53
C LYS B 64 -11.85 3.75 -0.27
N LYS B 65 -11.44 3.69 1.01
CA LYS B 65 -10.15 3.12 1.41
C LYS B 65 -9.90 1.76 0.74
N VAL B 66 -10.97 1.01 0.54
CA VAL B 66 -10.87 -0.31 -0.09
C VAL B 66 -10.65 -0.20 -1.59
N ALA B 67 -11.48 0.61 -2.24
CA ALA B 67 -11.41 0.82 -3.69
C ALA B 67 -10.12 1.52 -4.11
N ASP B 68 -9.55 2.32 -3.22
CA ASP B 68 -8.31 2.98 -3.56
C ASP B 68 -7.26 1.92 -3.38
N ALA B 69 -7.34 1.17 -2.28
CA ALA B 69 -6.39 0.10 -2.02
C ALA B 69 -6.29 -0.89 -3.18
N LEU B 70 -7.42 -1.29 -3.74
CA LEU B 70 -7.38 -2.24 -4.86
C LEU B 70 -6.86 -1.57 -6.11
N THR B 71 -7.30 -0.35 -6.36
CA THR B 71 -6.87 0.38 -7.54
C THR B 71 -5.36 0.39 -7.64
N ASN B 72 -4.72 0.71 -6.52
CA ASN B 72 -3.28 0.76 -6.43
C ASN B 72 -2.66 -0.65 -6.44
N ALA B 73 -3.11 -1.52 -5.55
CA ALA B 73 -2.58 -2.90 -5.49
C ALA B 73 -2.68 -3.64 -6.84
N VAL B 74 -3.70 -3.27 -7.62
CA VAL B 74 -3.92 -3.87 -8.94
C VAL B 74 -2.94 -3.29 -9.93
N ALA B 75 -2.87 -1.97 -9.96
CA ALA B 75 -1.98 -1.26 -10.86
C ALA B 75 -0.54 -1.67 -10.61
N HIS B 76 -0.29 -2.33 -9.48
CA HIS B 76 1.06 -2.80 -9.14
C HIS B 76 1.17 -4.32 -8.91
N VAL B 77 0.30 -5.11 -9.55
CA VAL B 77 0.36 -6.56 -9.42
C VAL B 77 1.78 -7.07 -9.71
N ASP B 78 2.40 -6.51 -10.74
CA ASP B 78 3.74 -6.89 -11.16
C ASP B 78 4.83 -6.65 -10.13
N ASP B 79 4.99 -5.39 -9.73
CA ASP B 79 6.04 -5.05 -8.80
C ASP B 79 5.76 -5.12 -7.31
N MET B 80 4.50 -5.03 -6.89
CA MET B 80 4.18 -5.10 -5.46
C MET B 80 3.16 -6.19 -5.24
N PRO B 81 3.57 -7.46 -5.43
CA PRO B 81 2.72 -8.64 -5.28
C PRO B 81 2.15 -8.91 -3.89
N ASN B 82 2.74 -8.28 -2.88
CA ASN B 82 2.25 -8.47 -1.53
C ASN B 82 1.33 -7.34 -1.10
N ALA B 83 1.25 -6.32 -1.95
CA ALA B 83 0.42 -5.13 -1.72
C ALA B 83 -0.81 -5.43 -0.86
N LEU B 84 -1.53 -6.46 -1.30
CA LEU B 84 -2.75 -6.92 -0.68
C LEU B 84 -2.45 -7.82 0.50
N SER B 85 -1.49 -8.72 0.34
CA SER B 85 -1.11 -9.59 1.43
C SER B 85 -0.76 -8.76 2.67
N ALA B 86 0.05 -7.73 2.46
CA ALA B 86 0.44 -6.84 3.53
C ALA B 86 -0.78 -6.24 4.20
N LEU B 87 -1.76 -5.82 3.41
CA LEU B 87 -2.97 -5.22 3.96
C LEU B 87 -3.67 -6.21 4.86
N SER B 88 -3.96 -7.40 4.34
CA SER B 88 -4.58 -8.44 5.14
C SER B 88 -3.89 -8.53 6.53
N ASP B 89 -2.57 -8.62 6.52
CA ASP B 89 -1.81 -8.71 7.76
C ASP B 89 -2.07 -7.57 8.73
N LEU B 90 -2.25 -6.36 8.22
CA LEU B 90 -2.50 -5.18 9.04
C LEU B 90 -3.83 -5.35 9.76
N HIS B 91 -4.82 -5.78 8.97
CA HIS B 91 -6.17 -6.00 9.48
C HIS B 91 -6.20 -7.08 10.55
N ALA B 92 -5.64 -8.24 10.23
CA ALA B 92 -5.64 -9.36 11.16
C ALA B 92 -4.83 -9.18 12.43
N HIS B 93 -3.67 -8.53 12.31
CA HIS B 93 -2.77 -8.33 13.45
C HIS B 93 -2.88 -7.03 14.22
N LYS B 94 -3.16 -5.92 13.55
CA LYS B 94 -3.23 -4.68 14.28
C LYS B 94 -4.59 -4.03 14.35
N LEU B 95 -5.49 -4.41 13.44
CA LEU B 95 -6.82 -3.85 13.44
C LEU B 95 -7.80 -4.88 13.99
N ARG B 96 -7.27 -6.02 14.42
CA ARG B 96 -8.08 -7.09 14.99
C ARG B 96 -9.37 -7.39 14.18
N VAL B 97 -9.19 -7.70 12.89
CA VAL B 97 -10.28 -8.00 11.94
C VAL B 97 -10.10 -9.39 11.36
N ASP B 98 -10.95 -10.33 11.76
CA ASP B 98 -10.84 -11.71 11.28
C ASP B 98 -10.63 -11.83 9.78
N PRO B 99 -9.46 -12.32 9.36
CA PRO B 99 -9.18 -12.44 7.93
C PRO B 99 -10.30 -13.10 7.14
N VAL B 100 -11.24 -13.74 7.84
CA VAL B 100 -12.37 -14.37 7.17
C VAL B 100 -13.21 -13.25 6.62
N ASN B 101 -13.41 -12.25 7.45
CA ASN B 101 -14.21 -11.10 7.06
C ASN B 101 -13.54 -10.34 5.93
N PHE B 102 -12.24 -10.16 6.05
CA PHE B 102 -11.50 -9.45 5.05
C PHE B 102 -11.77 -10.12 3.72
N LYS B 103 -11.74 -11.45 3.69
CA LYS B 103 -11.97 -12.21 2.45
C LYS B 103 -13.37 -11.98 1.92
N LEU B 104 -14.37 -12.43 2.70
CA LEU B 104 -15.76 -12.28 2.31
C LEU B 104 -16.12 -10.87 1.83
N LEU B 105 -15.76 -9.85 2.60
CA LEU B 105 -16.09 -8.49 2.17
C LEU B 105 -15.63 -8.16 0.76
N SER B 106 -14.52 -8.74 0.32
CA SER B 106 -14.04 -8.44 -1.02
C SER B 106 -14.93 -9.19 -1.96
N HIS B 107 -15.44 -10.31 -1.47
CA HIS B 107 -16.34 -11.15 -2.26
C HIS B 107 -17.59 -10.35 -2.56
N CYS B 108 -18.22 -9.89 -1.48
CA CYS B 108 -19.42 -9.07 -1.60
C CYS B 108 -19.16 -7.83 -2.45
N LEU B 109 -17.98 -7.23 -2.32
CA LEU B 109 -17.65 -6.06 -3.12
C LEU B 109 -17.84 -6.51 -4.53
N LEU B 110 -17.37 -7.71 -4.84
CA LEU B 110 -17.51 -8.23 -6.20
C LEU B 110 -18.99 -8.40 -6.53
N VAL B 111 -19.69 -9.18 -5.72
CA VAL B 111 -21.11 -9.38 -5.97
C VAL B 111 -21.81 -8.03 -6.07
N THR B 112 -21.40 -7.08 -5.23
CA THR B 112 -22.03 -5.76 -5.25
C THR B 112 -21.76 -5.05 -6.58
N LEU B 113 -20.59 -5.27 -7.17
CA LEU B 113 -20.30 -4.62 -8.44
C LEU B 113 -21.16 -5.27 -9.51
N ALA B 114 -21.39 -6.57 -9.36
CA ALA B 114 -22.20 -7.30 -10.32
C ALA B 114 -23.57 -6.65 -10.39
N ALA B 115 -24.10 -6.30 -9.24
CA ALA B 115 -25.42 -5.68 -9.16
C ALA B 115 -25.51 -4.33 -9.86
N HIS B 116 -24.48 -3.51 -9.72
CA HIS B 116 -24.48 -2.18 -10.34
C HIS B 116 -24.01 -2.12 -11.79
N LEU B 117 -23.12 -3.02 -12.20
CA LEU B 117 -22.67 -3.02 -13.59
C LEU B 117 -23.06 -4.37 -14.16
N PRO B 118 -24.35 -4.50 -14.52
CA PRO B 118 -25.00 -5.67 -15.08
C PRO B 118 -24.27 -6.38 -16.21
N ALA B 119 -24.10 -5.66 -17.32
CA ALA B 119 -23.46 -6.22 -18.51
C ALA B 119 -21.96 -5.97 -18.65
N GLU B 120 -21.45 -4.93 -17.98
CA GLU B 120 -20.03 -4.66 -18.07
C GLU B 120 -19.24 -5.62 -17.18
N PHE B 121 -19.85 -6.06 -16.10
CA PHE B 121 -19.22 -7.00 -15.17
C PHE B 121 -19.34 -8.42 -15.69
N THR B 122 -18.65 -8.72 -16.80
CA THR B 122 -18.68 -10.06 -17.40
C THR B 122 -18.14 -11.13 -16.47
N PRO B 123 -18.51 -12.39 -16.72
CA PRO B 123 -18.05 -13.52 -15.90
C PRO B 123 -16.54 -13.58 -15.95
N ALA B 124 -16.02 -13.19 -17.10
CA ALA B 124 -14.57 -13.19 -17.31
C ALA B 124 -13.99 -12.18 -16.33
N VAL B 125 -14.48 -10.96 -16.37
CA VAL B 125 -14.00 -9.92 -15.48
C VAL B 125 -14.06 -10.35 -14.03
N HIS B 126 -15.12 -11.05 -13.65
CA HIS B 126 -15.26 -11.50 -12.29
C HIS B 126 -14.16 -12.47 -11.94
N ALA B 127 -13.82 -13.33 -12.90
CA ALA B 127 -12.77 -14.31 -12.70
C ALA B 127 -11.41 -13.65 -12.51
N SER B 128 -11.10 -12.71 -13.40
CA SER B 128 -9.84 -12.01 -13.34
C SER B 128 -9.68 -11.47 -11.92
N LEU B 129 -10.69 -10.73 -11.47
CA LEU B 129 -10.67 -10.14 -10.15
C LEU B 129 -10.65 -11.20 -9.07
N ASP B 130 -11.47 -12.22 -9.23
CA ASP B 130 -11.51 -13.25 -8.21
C ASP B 130 -10.12 -13.80 -7.99
N LYS B 131 -9.41 -14.08 -9.08
CA LYS B 131 -8.06 -14.61 -9.02
C LYS B 131 -7.24 -13.66 -8.17
N PHE B 132 -7.01 -12.47 -8.69
CA PHE B 132 -6.25 -11.46 -7.98
C PHE B 132 -6.50 -11.43 -6.48
N LEU B 133 -7.76 -11.55 -6.08
CA LEU B 133 -8.10 -11.50 -4.65
C LEU B 133 -7.75 -12.77 -3.89
N ALA B 134 -7.35 -13.80 -4.63
CA ALA B 134 -6.96 -15.06 -4.02
C ALA B 134 -5.45 -15.03 -3.85
N SER B 135 -4.88 -13.85 -4.09
CA SER B 135 -3.45 -13.62 -3.96
C SER B 135 -3.26 -12.87 -2.65
N VAL B 136 -3.58 -13.54 -1.55
CA VAL B 136 -3.48 -12.95 -0.22
C VAL B 136 -2.32 -13.49 0.60
N SER B 137 -1.64 -14.52 0.10
CA SER B 137 -0.50 -15.08 0.82
C SER B 137 0.81 -14.61 0.18
N THR B 138 1.77 -14.26 1.04
CA THR B 138 3.09 -13.77 0.64
C THR B 138 3.81 -14.50 -0.49
N VAL B 139 4.51 -13.71 -1.31
CA VAL B 139 5.28 -14.19 -2.45
C VAL B 139 6.76 -13.79 -2.35
N LEU B 140 7.65 -14.75 -2.58
CA LEU B 140 9.10 -14.51 -2.51
C LEU B 140 9.82 -15.16 -3.70
N ALA C 2 -33.02 -28.40 -27.83
CA ALA C 2 -32.44 -27.19 -28.49
C ALA C 2 -33.44 -26.03 -28.47
N LEU C 3 -33.37 -25.21 -27.42
CA LEU C 3 -34.26 -24.06 -27.27
C LEU C 3 -33.98 -23.01 -28.32
N LEU C 4 -32.86 -23.17 -29.00
CA LEU C 4 -32.43 -22.26 -30.07
C LEU C 4 -30.96 -22.59 -30.35
N LYS C 5 -30.23 -21.63 -30.92
CA LYS C 5 -28.83 -21.83 -31.24
C LYS C 5 -28.00 -20.77 -30.50
N ALA C 6 -28.40 -19.51 -30.61
CA ALA C 6 -27.72 -18.40 -29.94
C ALA C 6 -27.58 -18.74 -28.47
N ASN C 7 -28.63 -19.31 -27.91
CA ASN C 7 -28.63 -19.69 -26.51
C ASN C 7 -28.08 -21.09 -26.33
N LYS C 8 -27.25 -21.53 -27.27
CA LYS C 8 -26.66 -22.86 -27.16
C LYS C 8 -25.15 -22.73 -27.05
N ASP C 9 -24.61 -21.74 -27.75
CA ASP C 9 -23.18 -21.46 -27.73
C ASP C 9 -22.94 -20.56 -26.53
N LEU C 10 -24.03 -19.96 -26.07
CA LEU C 10 -24.01 -19.07 -24.93
C LEU C 10 -23.97 -19.95 -23.69
N ILE C 11 -25.03 -20.72 -23.48
CA ILE C 11 -25.07 -21.60 -22.33
C ILE C 11 -23.78 -22.42 -22.22
N SER C 12 -23.16 -22.70 -23.35
CA SER C 12 -21.93 -23.50 -23.35
C SER C 12 -20.72 -22.66 -22.98
N ALA C 13 -20.67 -21.42 -23.47
CA ALA C 13 -19.55 -20.54 -23.18
C ALA C 13 -19.54 -20.28 -21.66
N GLY C 14 -20.72 -20.09 -21.10
CA GLY C 14 -20.84 -19.85 -19.67
C GLY C 14 -20.31 -21.00 -18.84
N LEU C 15 -20.87 -22.20 -19.05
CA LEU C 15 -20.43 -23.38 -18.30
C LEU C 15 -18.92 -23.53 -18.39
N LYS C 16 -18.33 -22.80 -19.33
CA LYS C 16 -16.88 -22.84 -19.55
C LYS C 16 -16.25 -21.88 -18.58
N GLU C 17 -16.57 -20.60 -18.75
CA GLU C 17 -16.05 -19.54 -17.90
C GLU C 17 -16.36 -19.83 -16.45
N PHE C 18 -17.44 -20.57 -16.20
CA PHE C 18 -17.78 -20.89 -14.82
C PHE C 18 -16.80 -21.94 -14.32
N SER C 19 -16.26 -22.73 -15.23
CA SER C 19 -15.32 -23.79 -14.86
C SER C 19 -13.97 -23.21 -14.48
N VAL C 20 -13.53 -22.24 -15.25
CA VAL C 20 -12.25 -21.62 -14.98
C VAL C 20 -12.32 -21.01 -13.59
N LEU C 21 -13.51 -20.55 -13.20
CA LEU C 21 -13.70 -19.95 -11.89
C LEU C 21 -13.43 -21.00 -10.82
N LEU C 22 -14.09 -22.14 -10.94
CA LEU C 22 -13.93 -23.22 -9.97
C LEU C 22 -12.54 -23.86 -9.93
N ASN C 23 -11.96 -24.06 -11.11
CA ASN C 23 -10.64 -24.68 -11.17
C ASN C 23 -9.50 -23.76 -10.74
N GLN C 24 -9.71 -22.44 -10.83
CA GLN C 24 -8.67 -21.51 -10.42
C GLN C 24 -8.75 -21.31 -8.92
N GLN C 25 -9.73 -21.93 -8.29
CA GLN C 25 -9.89 -21.79 -6.86
C GLN C 25 -8.87 -22.62 -6.07
N VAL C 26 -8.37 -22.04 -4.98
CA VAL C 26 -7.39 -22.67 -4.08
C VAL C 26 -7.92 -22.57 -2.65
N PHE C 27 -7.73 -23.61 -1.85
CA PHE C 27 -8.24 -23.57 -0.50
C PHE C 27 -7.26 -23.09 0.56
N ASN C 28 -6.81 -21.84 0.43
CA ASN C 28 -5.88 -21.24 1.39
C ASN C 28 -6.64 -20.68 2.59
N ASP C 29 -5.90 -20.23 3.61
CA ASP C 29 -6.51 -19.62 4.78
C ASP C 29 -6.81 -18.18 4.38
N PRO C 30 -7.85 -17.58 4.99
CA PRO C 30 -8.71 -18.18 6.01
C PRO C 30 -9.69 -19.12 5.34
N LEU C 31 -10.03 -20.20 6.03
CA LEU C 31 -10.95 -21.17 5.47
C LEU C 31 -12.33 -20.82 5.96
N VAL C 32 -13.23 -20.64 5.00
CA VAL C 32 -14.59 -20.26 5.30
C VAL C 32 -15.43 -21.50 5.61
N SER C 33 -16.21 -21.42 6.67
CA SER C 33 -17.08 -22.52 7.11
C SER C 33 -17.79 -23.23 5.98
N GLU C 34 -18.06 -24.51 6.16
CA GLU C 34 -18.74 -25.28 5.13
C GLU C 34 -19.94 -24.51 4.60
N GLU C 35 -20.84 -24.14 5.50
CA GLU C 35 -22.06 -23.39 5.15
C GLU C 35 -21.77 -22.18 4.28
N ASP C 36 -21.00 -21.22 4.80
CA ASP C 36 -20.68 -20.00 4.07
C ASP C 36 -20.20 -20.25 2.64
N MET C 37 -19.45 -21.32 2.42
CA MET C 37 -18.94 -21.61 1.09
C MET C 37 -20.07 -21.84 0.10
N VAL C 38 -21.08 -22.60 0.49
CA VAL C 38 -22.21 -22.87 -0.39
C VAL C 38 -22.77 -21.53 -0.85
N THR C 39 -23.05 -20.67 0.12
CA THR C 39 -23.58 -19.32 -0.12
C THR C 39 -22.79 -18.57 -1.18
N VAL C 40 -21.47 -18.72 -1.16
CA VAL C 40 -20.65 -18.03 -2.14
C VAL C 40 -20.95 -18.60 -3.52
N VAL C 41 -20.70 -19.90 -3.68
CA VAL C 41 -20.97 -20.54 -4.96
C VAL C 41 -22.37 -20.15 -5.34
N GLU C 42 -23.30 -20.29 -4.39
CA GLU C 42 -24.68 -19.92 -4.62
C GLU C 42 -24.73 -18.51 -5.19
N ASP C 43 -23.98 -17.61 -4.57
CA ASP C 43 -23.94 -16.22 -4.99
C ASP C 43 -23.23 -16.07 -6.33
N TRP C 44 -22.39 -17.05 -6.67
CA TRP C 44 -21.67 -16.99 -7.93
C TRP C 44 -22.62 -17.30 -9.08
N MET C 45 -23.46 -18.31 -8.89
CA MET C 45 -24.44 -18.68 -9.91
C MET C 45 -25.44 -17.55 -10.09
N ASN C 46 -26.06 -17.17 -8.97
CA ASN C 46 -27.03 -16.07 -8.99
C ASN C 46 -26.40 -14.85 -9.67
N PHE C 47 -25.11 -14.93 -9.97
CA PHE C 47 -24.41 -13.86 -10.65
C PHE C 47 -24.50 -14.14 -12.15
N TYR C 48 -23.95 -15.29 -12.55
CA TYR C 48 -23.95 -15.67 -13.95
C TYR C 48 -25.34 -15.53 -14.54
N ILE C 49 -26.30 -16.18 -13.91
CA ILE C 49 -27.66 -16.11 -14.41
C ILE C 49 -28.12 -14.67 -14.52
N ASN C 50 -27.99 -13.90 -13.45
CA ASN C 50 -28.42 -12.51 -13.54
C ASN C 50 -27.65 -11.77 -14.63
N TYR C 51 -26.56 -12.36 -15.12
CA TYR C 51 -25.77 -11.72 -16.18
C TYR C 51 -26.19 -12.15 -17.56
N TYR C 52 -26.20 -13.46 -17.80
CA TYR C 52 -26.57 -14.01 -19.09
C TYR C 52 -28.04 -13.72 -19.42
N ARG C 53 -28.82 -13.38 -18.41
CA ARG C 53 -30.22 -13.07 -18.63
C ARG C 53 -30.31 -11.74 -19.37
N GLN C 54 -29.23 -11.38 -20.06
CA GLN C 54 -29.14 -10.15 -20.84
C GLN C 54 -28.66 -10.55 -22.24
N GLN C 55 -27.79 -11.55 -22.27
CA GLN C 55 -27.23 -12.06 -23.51
C GLN C 55 -28.23 -12.97 -24.21
N VAL C 56 -29.07 -13.65 -23.44
CA VAL C 56 -30.07 -14.55 -23.99
C VAL C 56 -31.02 -13.76 -24.86
N THR C 57 -31.54 -14.41 -25.90
CA THR C 57 -32.46 -13.77 -26.83
C THR C 57 -33.69 -14.65 -27.09
N GLY C 58 -34.48 -14.27 -28.09
CA GLY C 58 -35.68 -15.03 -28.40
C GLY C 58 -36.89 -14.40 -27.74
N GLU C 59 -37.90 -15.23 -27.44
CA GLU C 59 -39.12 -14.76 -26.81
C GLU C 59 -39.08 -15.07 -25.31
N PRO C 60 -39.51 -14.12 -24.47
CA PRO C 60 -39.52 -14.31 -23.01
C PRO C 60 -40.16 -15.61 -22.53
N GLN C 61 -40.53 -16.48 -23.47
CA GLN C 61 -41.13 -17.76 -23.17
C GLN C 61 -40.06 -18.86 -23.15
N GLU C 62 -39.19 -18.82 -24.16
CA GLU C 62 -38.10 -19.78 -24.28
C GLU C 62 -36.83 -19.15 -23.70
N ARG C 63 -36.86 -17.83 -23.60
CA ARG C 63 -35.76 -17.05 -23.05
C ARG C 63 -35.51 -17.53 -21.61
N ASP C 64 -36.59 -17.62 -20.83
CA ASP C 64 -36.50 -18.05 -19.45
C ASP C 64 -36.45 -19.57 -19.27
N LYS C 65 -36.21 -20.29 -20.36
CA LYS C 65 -36.09 -21.75 -20.32
C LYS C 65 -34.60 -22.07 -20.34
N ALA C 66 -33.87 -21.33 -21.17
CA ALA C 66 -32.43 -21.51 -21.27
C ALA C 66 -31.87 -21.27 -19.87
N LEU C 67 -32.10 -20.08 -19.33
CA LEU C 67 -31.62 -19.73 -18.00
C LEU C 67 -31.90 -20.86 -17.01
N GLN C 68 -33.16 -21.28 -16.92
CA GLN C 68 -33.52 -22.35 -16.00
C GLN C 68 -32.69 -23.61 -16.30
N GLU C 69 -32.24 -23.77 -17.54
CA GLU C 69 -31.43 -24.92 -17.90
C GLU C 69 -29.99 -24.65 -17.49
N LEU C 70 -29.59 -23.38 -17.56
CA LEU C 70 -28.24 -22.99 -17.19
C LEU C 70 -28.05 -23.27 -15.70
N ARG C 71 -28.93 -22.71 -14.88
CA ARG C 71 -28.83 -22.91 -13.45
C ARG C 71 -28.75 -24.40 -13.16
N GLN C 72 -29.47 -25.19 -13.95
CA GLN C 72 -29.46 -26.63 -13.77
C GLN C 72 -28.06 -27.19 -14.03
N GLU C 73 -27.47 -26.74 -15.12
CA GLU C 73 -26.14 -27.20 -15.51
C GLU C 73 -25.02 -26.73 -14.59
N LEU C 74 -24.99 -25.43 -14.28
CA LEU C 74 -23.94 -24.94 -13.39
C LEU C 74 -23.83 -25.86 -12.20
N ASN C 75 -24.98 -26.17 -11.58
CA ASN C 75 -24.99 -27.06 -10.41
C ASN C 75 -24.26 -28.36 -10.69
N THR C 76 -24.25 -28.78 -11.96
CA THR C 76 -23.58 -30.01 -12.35
C THR C 76 -22.08 -29.97 -12.03
N LEU C 77 -21.48 -28.79 -12.20
CA LEU C 77 -20.05 -28.57 -11.92
C LEU C 77 -19.87 -28.06 -10.51
N ALA C 78 -20.90 -27.38 -10.02
CA ALA C 78 -20.87 -26.83 -8.68
C ALA C 78 -20.81 -27.94 -7.64
N ASN C 79 -21.71 -28.92 -7.75
CA ASN C 79 -21.72 -30.00 -6.77
C ASN C 79 -20.37 -30.69 -6.57
N PRO C 80 -19.64 -30.99 -7.67
CA PRO C 80 -18.35 -31.65 -7.54
C PRO C 80 -17.44 -30.82 -6.65
N PHE C 81 -17.40 -29.54 -6.96
CA PHE C 81 -16.59 -28.56 -6.25
C PHE C 81 -16.87 -28.55 -4.76
N LEU C 82 -18.15 -28.47 -4.40
CA LEU C 82 -18.54 -28.45 -3.00
C LEU C 82 -18.07 -29.73 -2.31
N ALA C 83 -18.39 -30.88 -2.92
CA ALA C 83 -17.99 -32.16 -2.38
C ALA C 83 -16.48 -32.11 -2.17
N LYS C 84 -15.80 -31.53 -3.16
CA LYS C 84 -14.35 -31.37 -3.15
C LYS C 84 -13.91 -30.53 -1.97
N TYR C 85 -14.71 -29.54 -1.60
CA TYR C 85 -14.36 -28.69 -0.47
C TYR C 85 -14.79 -29.30 0.86
N ARG C 86 -16.01 -29.82 0.92
CA ARG C 86 -16.48 -30.40 2.16
C ARG C 86 -15.52 -31.52 2.53
N ASP C 87 -14.79 -32.00 1.53
CA ASP C 87 -13.80 -33.06 1.72
C ASP C 87 -12.53 -32.47 2.31
N PHE C 88 -12.25 -31.22 1.96
CA PHE C 88 -11.08 -30.54 2.47
C PHE C 88 -11.29 -30.19 3.94
N LEU C 89 -12.53 -29.98 4.34
CA LEU C 89 -12.84 -29.65 5.73
C LEU C 89 -12.38 -30.79 6.65
N LYS C 90 -13.00 -31.96 6.49
CA LYS C 90 -12.67 -33.12 7.30
C LYS C 90 -11.21 -33.52 7.14
N SER C 91 -10.66 -33.30 5.95
CA SER C 91 -9.27 -33.63 5.65
C SER C 91 -8.31 -32.99 6.64
N LEU D 6 0.36 13.24 13.99
CA LEU D 6 0.73 13.98 12.74
C LEU D 6 -0.37 15.01 12.49
N SER D 7 -0.01 16.30 12.49
CA SER D 7 -1.01 17.35 12.29
C SER D 7 -1.49 17.52 10.84
N PRO D 8 -2.69 18.09 10.65
CA PRO D 8 -3.27 18.32 9.31
C PRO D 8 -2.44 19.34 8.55
N ALA D 9 -1.62 20.07 9.29
CA ALA D 9 -0.73 21.06 8.70
C ALA D 9 0.42 20.20 8.17
N ASP D 10 0.96 19.36 9.05
CA ASP D 10 2.03 18.43 8.72
C ASP D 10 1.62 17.56 7.52
N LYS D 11 0.32 17.50 7.25
CA LYS D 11 -0.21 16.70 6.14
C LYS D 11 -0.21 17.50 4.84
N THR D 12 -0.48 18.79 4.92
CA THR D 12 -0.50 19.60 3.71
C THR D 12 0.93 19.89 3.32
N ASN D 13 1.81 19.98 4.32
CA ASN D 13 3.22 20.25 4.08
C ASN D 13 3.82 19.12 3.25
N VAL D 14 3.93 17.94 3.85
CA VAL D 14 4.48 16.76 3.18
C VAL D 14 3.85 16.54 1.81
N LYS D 15 2.54 16.65 1.73
CA LYS D 15 1.85 16.44 0.47
C LYS D 15 2.50 17.22 -0.67
N ALA D 16 2.88 18.46 -0.37
CA ALA D 16 3.51 19.34 -1.37
C ALA D 16 5.01 19.10 -1.44
N ALA D 17 5.62 18.90 -0.27
CA ALA D 17 7.05 18.66 -0.16
C ALA D 17 7.48 17.56 -1.13
N TRP D 18 6.63 16.55 -1.26
CA TRP D 18 6.92 15.42 -2.13
C TRP D 18 6.59 15.79 -3.56
N GLY D 19 5.68 16.75 -3.75
CA GLY D 19 5.33 17.12 -5.09
C GLY D 19 6.51 17.67 -5.88
N LYS D 20 7.22 18.57 -5.23
CA LYS D 20 8.38 19.22 -5.82
C LYS D 20 9.54 18.29 -6.05
N VAL D 21 10.10 17.87 -4.93
CA VAL D 21 11.25 17.01 -4.80
C VAL D 21 11.17 15.52 -5.21
N GLY D 22 9.97 14.96 -5.36
CA GLY D 22 9.88 13.55 -5.63
C GLY D 22 9.65 12.98 -7.00
N ALA D 23 9.80 13.78 -8.04
CA ALA D 23 9.57 13.24 -9.38
C ALA D 23 10.54 12.15 -9.79
N HIS D 24 11.82 12.32 -9.48
CA HIS D 24 12.86 11.34 -9.87
C HIS D 24 13.33 10.40 -8.76
N ALA D 25 12.67 10.45 -7.62
CA ALA D 25 13.05 9.64 -6.48
C ALA D 25 13.34 8.18 -6.84
N GLY D 26 12.59 7.63 -7.79
CA GLY D 26 12.80 6.25 -8.16
C GLY D 26 14.06 5.91 -8.93
N GLU D 27 14.78 6.91 -9.40
CA GLU D 27 15.99 6.65 -10.17
C GLU D 27 17.18 6.60 -9.22
N TYR D 28 16.98 7.12 -8.01
CA TYR D 28 18.07 7.14 -7.06
C TYR D 28 18.09 5.90 -6.17
N GLY D 29 17.50 4.83 -6.69
CA GLY D 29 17.45 3.60 -5.92
C GLY D 29 18.85 3.16 -5.62
N ALA D 30 19.50 2.67 -6.67
CA ALA D 30 20.87 2.23 -6.57
C ALA D 30 21.70 3.08 -5.61
N GLU D 31 21.72 4.40 -5.86
CA GLU D 31 22.50 5.33 -5.05
C GLU D 31 22.32 5.25 -3.55
N ALA D 32 21.14 5.59 -3.07
CA ALA D 32 20.90 5.59 -1.63
C ALA D 32 21.33 4.32 -0.93
N LEU D 33 21.14 3.18 -1.57
CA LEU D 33 21.55 1.97 -0.90
C LEU D 33 23.04 2.04 -0.67
N GLU D 34 23.76 2.51 -1.68
CA GLU D 34 25.19 2.64 -1.56
C GLU D 34 25.51 3.66 -0.49
N ARG D 35 24.75 4.74 -0.47
CA ARG D 35 24.95 5.79 0.52
C ARG D 35 24.69 5.29 1.94
N MET D 36 23.82 4.30 2.07
CA MET D 36 23.51 3.78 3.39
C MET D 36 24.60 2.83 3.83
N PHE D 37 25.33 2.25 2.89
CA PHE D 37 26.40 1.33 3.25
C PHE D 37 27.63 2.09 3.74
N LEU D 38 27.81 3.31 3.26
CA LEU D 38 28.95 4.09 3.67
C LEU D 38 28.68 4.79 4.98
N SER D 39 27.51 5.41 5.09
CA SER D 39 27.16 6.15 6.30
C SER D 39 26.94 5.23 7.51
N PHE D 40 26.52 4.00 7.22
CA PHE D 40 26.24 3.02 8.27
C PHE D 40 26.83 1.70 7.86
N PRO D 41 28.16 1.57 7.98
CA PRO D 41 28.94 0.36 7.64
C PRO D 41 28.39 -0.95 8.15
N THR D 42 27.68 -0.88 9.27
CA THR D 42 27.09 -2.06 9.87
C THR D 42 25.93 -2.59 9.05
N THR D 43 25.33 -1.73 8.23
CA THR D 43 24.21 -2.18 7.42
C THR D 43 24.66 -2.99 6.23
N LYS D 44 25.97 -3.21 6.11
CA LYS D 44 26.49 -3.98 4.99
C LYS D 44 27.05 -5.33 5.34
N THR D 45 27.55 -5.50 6.56
CA THR D 45 28.15 -6.77 6.97
C THR D 45 27.38 -8.00 6.43
N TYR D 46 26.06 -7.86 6.26
CA TYR D 46 25.21 -8.92 5.69
C TYR D 46 24.53 -8.47 4.43
N PHE D 47 23.25 -8.17 4.56
CA PHE D 47 22.47 -7.69 3.43
C PHE D 47 22.30 -8.72 2.32
N PRO D 48 21.52 -9.77 2.60
CA PRO D 48 21.25 -10.86 1.65
C PRO D 48 20.38 -10.50 0.48
N HIS D 49 19.90 -9.27 0.46
CA HIS D 49 18.98 -8.82 -0.59
C HIS D 49 19.57 -8.34 -1.92
N PHE D 50 18.67 -8.16 -2.88
CA PHE D 50 18.99 -7.66 -4.21
C PHE D 50 20.07 -8.34 -5.01
N ASP D 51 20.65 -9.41 -4.49
CA ASP D 51 21.70 -10.15 -5.21
C ASP D 51 22.60 -9.15 -5.91
N LEU D 52 23.22 -8.29 -5.09
CA LEU D 52 24.10 -7.21 -5.55
C LEU D 52 25.30 -7.58 -6.39
N SER D 53 26.03 -8.60 -5.95
CA SER D 53 27.21 -9.05 -6.66
C SER D 53 26.97 -9.32 -8.15
N HIS D 54 25.71 -9.52 -8.55
CA HIS D 54 25.38 -9.82 -9.93
C HIS D 54 24.77 -8.65 -10.70
N GLY D 55 24.73 -7.47 -10.10
CA GLY D 55 24.15 -6.36 -10.83
C GLY D 55 23.11 -5.50 -10.13
N SER D 56 23.10 -4.24 -10.53
CA SER D 56 22.20 -3.24 -10.00
C SER D 56 20.79 -3.33 -10.55
N ALA D 57 20.42 -4.49 -11.08
CA ALA D 57 19.10 -4.67 -11.65
C ALA D 57 18.01 -4.64 -10.59
N GLN D 58 18.10 -5.56 -9.64
CA GLN D 58 17.11 -5.67 -8.59
C GLN D 58 17.08 -4.46 -7.69
N VAL D 59 18.25 -3.89 -7.44
CA VAL D 59 18.30 -2.72 -6.58
C VAL D 59 17.83 -1.47 -7.28
N LYS D 60 17.99 -1.37 -8.59
CA LYS D 60 17.51 -0.16 -9.22
C LYS D 60 16.00 -0.22 -9.29
N GLY D 61 15.47 -1.41 -9.51
CA GLY D 61 14.02 -1.57 -9.55
C GLY D 61 13.41 -1.23 -8.19
N HIS D 62 13.96 -1.81 -7.13
CA HIS D 62 13.47 -1.55 -5.80
C HIS D 62 13.39 -0.04 -5.57
N GLY D 63 14.28 0.70 -6.21
CA GLY D 63 14.27 2.13 -6.07
C GLY D 63 12.91 2.65 -6.45
N LYS D 64 12.45 2.26 -7.63
CA LYS D 64 11.14 2.68 -8.12
C LYS D 64 10.08 2.26 -7.14
N LYS D 65 10.09 0.98 -6.75
CA LYS D 65 9.13 0.43 -5.80
C LYS D 65 9.03 1.31 -4.54
N VAL D 66 10.14 1.92 -4.13
CA VAL D 66 10.14 2.79 -2.95
C VAL D 66 9.51 4.14 -3.23
N ALA D 67 9.91 4.74 -4.35
CA ALA D 67 9.41 6.05 -4.78
C ALA D 67 7.94 6.00 -5.15
N ASP D 68 7.50 4.85 -5.65
CA ASP D 68 6.09 4.75 -5.97
C ASP D 68 5.37 4.56 -4.64
N ALA D 69 5.96 3.76 -3.77
CA ALA D 69 5.34 3.52 -2.49
C ALA D 69 5.10 4.81 -1.73
N LEU D 70 6.10 5.69 -1.72
CA LEU D 70 5.98 6.96 -1.00
C LEU D 70 5.03 7.91 -1.69
N THR D 71 5.06 7.92 -3.02
CA THR D 71 4.18 8.81 -3.78
C THR D 71 2.76 8.53 -3.36
N ASN D 72 2.40 7.24 -3.33
CA ASN D 72 1.07 6.79 -2.94
C ASN D 72 0.79 7.00 -1.44
N ALA D 73 1.61 6.42 -0.58
CA ALA D 73 1.44 6.59 0.86
C ALA D 73 1.32 8.05 1.28
N VAL D 74 2.00 8.93 0.55
CA VAL D 74 1.96 10.36 0.82
C VAL D 74 0.64 10.95 0.33
N ALA D 75 0.30 10.64 -0.92
CA ALA D 75 -0.95 11.12 -1.50
C ALA D 75 -2.14 10.66 -0.66
N HIS D 76 -1.92 9.70 0.24
CA HIS D 76 -2.98 9.18 1.12
C HIS D 76 -2.69 9.30 2.61
N VAL D 77 -1.88 10.27 3.01
CA VAL D 77 -1.59 10.46 4.42
C VAL D 77 -2.87 10.51 5.21
N ASP D 78 -3.85 11.25 4.68
CA ASP D 78 -5.14 11.42 5.34
C ASP D 78 -5.88 10.13 5.60
N ASP D 79 -6.24 9.44 4.52
CA ASP D 79 -7.02 8.23 4.64
C ASP D 79 -6.33 6.92 4.91
N MET D 80 -5.07 6.75 4.50
CA MET D 80 -4.38 5.49 4.76
C MET D 80 -3.11 5.81 5.55
N PRO D 81 -3.26 6.13 6.83
CA PRO D 81 -2.17 6.48 7.74
C PRO D 81 -1.18 5.38 8.08
N ASN D 82 -1.57 4.13 7.85
CA ASN D 82 -0.68 3.02 8.11
C ASN D 82 0.02 2.58 6.83
N ALA D 83 -0.39 3.17 5.72
CA ALA D 83 0.18 2.87 4.41
C ALA D 83 1.62 2.44 4.48
N LEU D 84 2.39 3.24 5.19
CA LEU D 84 3.82 3.00 5.37
C LEU D 84 4.09 2.01 6.49
N SER D 85 3.43 2.18 7.62
CA SER D 85 3.59 1.27 8.74
C SER D 85 3.35 -0.17 8.23
N ALA D 86 2.31 -0.36 7.45
CA ALA D 86 2.01 -1.67 6.91
C ALA D 86 3.19 -2.20 6.10
N LEU D 87 3.81 -1.31 5.33
CA LEU D 87 4.93 -1.71 4.50
C LEU D 87 6.09 -2.17 5.36
N SER D 88 6.42 -1.37 6.37
CA SER D 88 7.51 -1.70 7.29
C SER D 88 7.30 -3.12 7.81
N ASP D 89 6.06 -3.42 8.21
CA ASP D 89 5.72 -4.74 8.71
C ASP D 89 6.03 -5.84 7.69
N LEU D 90 5.65 -5.64 6.44
CA LEU D 90 5.89 -6.63 5.42
C LEU D 90 7.38 -6.95 5.35
N HIS D 91 8.20 -5.90 5.31
CA HIS D 91 9.65 -6.06 5.24
C HIS D 91 10.23 -6.79 6.43
N ALA D 92 9.88 -6.34 7.63
CA ALA D 92 10.36 -6.96 8.86
C ALA D 92 9.87 -8.40 9.12
N HIS D 93 8.64 -8.68 8.72
CA HIS D 93 8.10 -9.99 9.00
C HIS D 93 8.17 -11.00 7.90
N LYS D 94 7.99 -10.56 6.66
CA LYS D 94 8.00 -11.52 5.57
C LYS D 94 9.16 -11.44 4.59
N LEU D 95 9.82 -10.29 4.52
CA LEU D 95 10.95 -10.11 3.63
C LEU D 95 12.24 -10.14 4.45
N ARG D 96 12.09 -10.42 5.74
CA ARG D 96 13.22 -10.51 6.63
C ARG D 96 14.24 -9.39 6.37
N VAL D 97 13.80 -8.15 6.61
CA VAL D 97 14.60 -6.94 6.44
C VAL D 97 14.54 -6.10 7.73
N ASP D 98 15.61 -6.10 8.50
CA ASP D 98 15.66 -5.36 9.75
C ASP D 98 15.10 -3.93 9.62
N PRO D 99 14.00 -3.61 10.35
CA PRO D 99 13.36 -2.29 10.32
C PRO D 99 14.33 -1.10 10.57
N VAL D 100 15.56 -1.41 10.99
CA VAL D 100 16.55 -0.37 11.21
C VAL D 100 16.95 0.06 9.80
N ASN D 101 17.22 -0.95 8.97
CA ASN D 101 17.60 -0.69 7.58
C ASN D 101 16.46 0.05 6.87
N PHE D 102 15.24 -0.39 7.14
CA PHE D 102 14.09 0.22 6.49
C PHE D 102 14.09 1.68 6.75
N LYS D 103 14.35 2.04 7.99
CA LYS D 103 14.38 3.43 8.42
C LYS D 103 15.52 4.19 7.78
N LEU D 104 16.76 3.75 8.03
CA LEU D 104 17.92 4.42 7.43
C LEU D 104 17.80 4.61 5.90
N LEU D 105 17.53 3.54 5.16
CA LEU D 105 17.41 3.68 3.72
C LEU D 105 16.51 4.84 3.29
N SER D 106 15.48 5.16 4.05
CA SER D 106 14.59 6.27 3.69
C SER D 106 15.28 7.56 4.03
N HIS D 107 16.17 7.47 5.02
CA HIS D 107 16.95 8.63 5.42
C HIS D 107 17.86 8.97 4.29
N CYS D 108 18.58 7.96 3.79
CA CYS D 108 19.52 8.15 2.71
C CYS D 108 18.81 8.59 1.45
N LEU D 109 17.59 8.12 1.26
CA LEU D 109 16.82 8.53 0.07
C LEU D 109 16.70 10.03 0.18
N LEU D 110 16.40 10.51 1.39
CA LEU D 110 16.28 11.93 1.64
C LEU D 110 17.63 12.61 1.38
N VAL D 111 18.69 12.12 2.01
CA VAL D 111 20.01 12.72 1.83
C VAL D 111 20.40 12.69 0.35
N THR D 112 20.04 11.61 -0.34
CA THR D 112 20.33 11.45 -1.76
C THR D 112 19.56 12.47 -2.57
N LEU D 113 18.32 12.77 -2.18
CA LEU D 113 17.56 13.76 -2.91
C LEU D 113 18.23 15.11 -2.70
N ALA D 114 18.75 15.34 -1.49
CA ALA D 114 19.42 16.60 -1.17
C ALA D 114 20.53 16.85 -2.16
N ALA D 115 21.33 15.81 -2.40
CA ALA D 115 22.44 15.92 -3.33
C ALA D 115 22.02 16.32 -4.75
N HIS D 116 20.94 15.73 -5.26
CA HIS D 116 20.50 16.04 -6.61
C HIS D 116 19.65 17.31 -6.76
N LEU D 117 18.84 17.64 -5.77
CA LEU D 117 18.02 18.84 -5.86
C LEU D 117 18.53 19.79 -4.80
N PRO D 118 19.63 20.48 -5.10
CA PRO D 118 20.34 21.43 -4.25
C PRO D 118 19.47 22.49 -3.62
N ALA D 119 18.89 23.35 -4.45
CA ALA D 119 18.07 24.46 -3.99
C ALA D 119 16.57 24.19 -3.80
N GLU D 120 16.03 23.21 -4.52
CA GLU D 120 14.61 22.88 -4.38
C GLU D 120 14.35 22.09 -3.10
N PHE D 121 15.34 21.31 -2.67
CA PHE D 121 15.22 20.53 -1.45
C PHE D 121 15.50 21.40 -0.21
N THR D 122 14.61 22.35 0.07
CA THR D 122 14.77 23.22 1.24
C THR D 122 14.74 22.46 2.57
N PRO D 123 15.36 23.01 3.62
CA PRO D 123 15.38 22.37 4.94
C PRO D 123 13.96 22.12 5.41
N ALA D 124 13.06 23.02 5.00
CA ALA D 124 11.66 22.90 5.36
C ALA D 124 11.14 21.62 4.70
N VAL D 125 11.34 21.49 3.40
CA VAL D 125 10.89 20.30 2.70
C VAL D 125 11.46 19.01 3.32
N HIS D 126 12.70 19.07 3.76
CA HIS D 126 13.31 17.92 4.38
C HIS D 126 12.57 17.56 5.66
N ALA D 127 12.21 18.60 6.43
CA ALA D 127 11.49 18.44 7.69
C ALA D 127 10.12 17.80 7.47
N SER D 128 9.34 18.38 6.56
CA SER D 128 8.03 17.83 6.24
C SER D 128 8.18 16.33 6.01
N LEU D 129 9.03 15.97 5.05
CA LEU D 129 9.26 14.57 4.72
C LEU D 129 9.80 13.83 5.91
N ASP D 130 10.75 14.43 6.61
CA ASP D 130 11.29 13.72 7.74
C ASP D 130 10.20 13.29 8.68
N LYS D 131 9.28 14.21 8.96
CA LYS D 131 8.16 13.94 9.85
C LYS D 131 7.38 12.75 9.31
N PHE D 132 6.79 12.92 8.14
CA PHE D 132 6.03 11.84 7.51
C PHE D 132 6.69 10.46 7.69
N LEU D 133 7.99 10.39 7.46
CA LEU D 133 8.72 9.15 7.57
C LEU D 133 8.81 8.63 9.01
N ALA D 134 8.50 9.50 9.97
CA ALA D 134 8.56 9.13 11.38
C ALA D 134 7.19 8.62 11.80
N SER D 135 6.36 8.40 10.80
CA SER D 135 5.01 7.89 10.97
C SER D 135 5.06 6.42 10.56
N VAL D 136 5.79 5.61 11.33
CA VAL D 136 5.95 4.20 11.01
C VAL D 136 5.21 3.25 11.96
N SER D 137 4.69 3.80 13.06
CA SER D 137 3.92 2.99 14.01
C SER D 137 2.42 3.19 13.81
N THR D 138 1.69 2.07 13.88
CA THR D 138 0.23 2.01 13.70
C THR D 138 -0.62 3.08 14.39
N VAL D 139 -1.65 3.54 13.68
CA VAL D 139 -2.58 4.55 14.17
C VAL D 139 -4.03 4.03 14.22
N LEU D 140 -4.73 4.29 15.32
CA LEU D 140 -6.12 3.85 15.51
C LEU D 140 -6.97 4.97 16.13
CHA HEM E . -8.81 0.09 7.21
CHB HEM E . -8.66 -2.08 2.97
CHC HEM E . -11.84 -5.32 4.58
CHD HEM E . -11.98 -3.10 8.83
C1A HEM E . -8.49 -0.20 5.93
C2A HEM E . -7.53 0.55 5.10
C3A HEM E . -7.51 -0.06 3.90
C4A HEM E . -8.43 -1.19 3.99
CMA HEM E . -6.70 0.29 2.68
CAA HEM E . -6.75 1.73 5.54
CBA HEM E . -5.50 1.14 6.22
CGA HEM E . -4.46 2.06 6.81
O1A HEM E . -3.29 1.95 6.37
O2A HEM E . -4.82 2.85 7.74
C1B HEM E . -9.49 -3.16 3.02
C2B HEM E . -9.68 -4.11 1.93
C3B HEM E . -10.57 -5.01 2.40
C4B HEM E . -10.93 -4.63 3.76
CMB HEM E . -9.01 -4.07 0.59
CAB HEM E . -11.13 -6.20 1.73
CBB HEM E . -11.67 -6.27 0.53
C1C HEM E . -12.22 -5.03 5.90
C2C HEM E . -13.19 -5.76 6.73
C3C HEM E . -13.22 -5.11 7.93
C4C HEM E . -12.26 -4.00 7.83
CMC HEM E . -13.98 -6.97 6.28
CAC HEM E . -14.01 -5.40 9.14
CBC HEM E . -14.11 -6.54 9.81
C1D HEM E . -11.11 -2.01 8.79
C2D HEM E . -10.91 -1.08 9.86
C3D HEM E . -10.02 -0.16 9.38
C4D HEM E . -9.67 -0.56 8.04
CMD HEM E . -11.57 -1.12 11.23
CAD HEM E . -9.52 1.05 10.08
CBD HEM E . -10.51 2.14 9.51
CGD HEM E . -10.26 3.51 10.02
O1D HEM E . -9.17 4.07 9.75
O2D HEM E . -11.21 4.03 10.68
NA HEM E . -8.99 -1.23 5.24
NB HEM E . -10.24 -3.51 4.12
NC HEM E . -11.70 -3.99 6.61
ND HEM E . -10.35 -1.65 7.72
FE HEM E . -10.34 -2.58 5.97
CHA HEM F . 10.18 -4.68 -1.70
CHB HEM F . 9.30 -0.21 -0.19
CHC HEM F . 13.40 -0.27 2.33
CHD HEM F . 14.30 -4.73 0.79
C1A HEM F . 9.57 -3.46 -1.52
C2A HEM F . 8.28 -3.06 -2.07
C3A HEM F . 8.04 -1.82 -1.66
C4A HEM F . 9.18 -1.43 -0.83
CMA HEM F . 6.84 -0.97 -1.96
CAA HEM F . 7.40 -3.93 -2.91
CBA HEM F . 6.56 -4.74 -1.89
CGA HEM F . 5.54 -5.73 -2.40
O1A HEM F . 4.33 -5.50 -2.15
O2A HEM F . 5.95 -6.75 -3.01
C1B HEM F . 10.32 0.18 0.63
C2B HEM F . 10.40 1.46 1.29
C3B HEM F . 11.55 1.43 2.01
C4B HEM F . 12.17 0.16 1.77
CMB HEM F . 9.36 2.56 1.19
CAB HEM F . 12.14 2.46 2.90
CBB HEM F . 12.32 3.75 2.65
C1C HEM F . 14.04 -1.49 2.16
C2C HEM F . 15.33 -1.86 2.72
C3C HEM F . 15.59 -3.13 2.27
C4C HEM F . 14.45 -3.50 1.44
CMC HEM F . 16.17 -0.98 3.61
CAC HEM F . 16.76 -4.00 2.52
CBC HEM F . 17.34 -4.29 3.69
C1D HEM F . 13.25 -5.14 -0.02
C2D HEM F . 13.18 -6.41 -0.69
C3D HEM F . 12.01 -6.39 -1.41
C4D HEM F . 11.38 -5.11 -1.15
CMD HEM F . 14.18 -7.52 -0.62
CAD HEM F . 11.50 -7.44 -2.30
CBD HEM F . 11.94 -6.88 -3.69
CGD HEM F . 11.54 -7.75 -4.79
O1D HEM F . 10.30 -7.86 -5.05
O2D HEM F . 12.49 -8.29 -5.43
NA HEM F . 10.08 -2.45 -0.76
NB HEM F . 11.40 -0.58 0.93
NC HEM F . 13.56 -2.50 1.39
ND HEM F . 12.15 -4.38 -0.34
FE HEM F . 11.82 -2.52 0.30
#